data_5UI0
#
_entry.id   5UI0
#
_cell.length_a   73.937
_cell.length_b   73.937
_cell.length_c   311.359
_cell.angle_alpha   90.00
_cell.angle_beta   90.00
_cell.angle_gamma   90.00
#
_symmetry.space_group_name_H-M   'P 43 2 2'
#
loop_
_entity.id
_entity.type
_entity.pdbx_description
1 polymer 'Fibroblast growth factor receptor 2'
2 non-polymer 'CITRATE ANION'
3 non-polymer 'SULFATE ION'
4 non-polymer 'PHOSPHOMETHYLPHOSPHONIC ACID ADENYLATE ESTER'
5 water water
#
_entity_poly.entity_id   1
_entity_poly.type   'polypeptide(L)'
_entity_poly.pdbx_seq_one_letter_code
;MGSSHHHHHHSQDPMLAGVSEYELPEDPKWEFPRDKLTLGKPLGEGAFGQVVMAEAVGIDKDKPKEAVTVAVKMLKDDAT
EKDLSDLVSEMEMMKMIGKHKNIINLLGACTQDGPLYVIVAYASKGNLREYLRARRPPGMEYSYDINRVPEEQMTFKDLV
SCTYQLARGMEYLASQKCIHRDLAARNVLVTENNVMKIADFGLARDINNIDYYKMTTNGRLPVKWMAPEALFDRVYTHQS
DVWSFGVLMWEIFTLGGSPYPGIPVEELFKLLKEGHRMDKPANCTNELYMMMRDCWHAVPSQRPTFKQLVEDLDRILTLT
TNEE
;
_entity_poly.pdbx_strand_id   A,B
#
loop_
_chem_comp.id
_chem_comp.type
_chem_comp.name
_chem_comp.formula
ACP non-polymer 'PHOSPHOMETHYLPHOSPHONIC ACID ADENYLATE ESTER' 'C11 H18 N5 O12 P3'
FLC non-polymer 'CITRATE ANION' 'C6 H5 O7 -3'
SO4 non-polymer 'SULFATE ION' 'O4 S -2'
#
# COMPACT_ATOMS: atom_id res chain seq x y z
N ALA A 17 -7.91 10.13 15.83
CA ALA A 17 -6.76 10.87 16.35
C ALA A 17 -5.78 11.16 15.22
N GLY A 18 -5.36 12.43 15.08
CA GLY A 18 -4.26 12.81 14.20
C GLY A 18 -2.92 12.33 14.76
N VAL A 19 -2.29 11.37 14.07
CA VAL A 19 -1.13 10.71 14.65
C VAL A 19 0.08 11.62 14.77
N SER A 20 0.18 12.69 13.98
CA SER A 20 1.40 13.49 14.03
C SER A 20 1.57 14.25 15.36
N GLU A 21 0.52 14.37 16.16
CA GLU A 21 0.62 14.98 17.48
C GLU A 21 0.03 14.12 18.58
N TYR A 22 -0.44 12.93 18.26
CA TYR A 22 -1.04 12.04 19.24
C TYR A 22 0.06 11.25 19.93
N GLU A 23 0.06 11.26 21.24
CA GLU A 23 1.01 10.48 22.02
C GLU A 23 0.27 9.28 22.60
N LEU A 24 0.73 8.08 22.24
CA LEU A 24 0.09 6.84 22.68
C LEU A 24 0.08 6.76 24.21
N PRO A 25 -1.09 6.65 24.83
CA PRO A 25 -1.12 6.55 26.30
C PRO A 25 -0.53 5.23 26.76
N GLU A 26 -0.05 5.23 28.01
CA GLU A 26 0.41 4.01 28.63
C GLU A 26 -0.75 3.02 28.76
N ASP A 27 -0.47 1.74 28.56
CA ASP A 27 -1.43 0.67 28.82
C ASP A 27 -0.64 -0.50 29.36
N PRO A 28 -0.31 -0.47 30.66
CA PRO A 28 0.64 -1.45 31.21
C PRO A 28 0.23 -2.90 31.02
N LYS A 29 -1.06 -3.21 31.00
CA LYS A 29 -1.43 -4.62 30.91
C LYS A 29 -1.05 -5.24 29.58
N TRP A 30 -0.79 -4.42 28.55
CA TRP A 30 -0.38 -4.93 27.24
C TRP A 30 1.07 -4.63 26.88
N GLU A 31 1.75 -3.80 27.67
CA GLU A 31 3.07 -3.34 27.28
C GLU A 31 4.10 -4.45 27.48
N PHE A 32 5.02 -4.56 26.52
CA PHE A 32 6.09 -5.55 26.56
C PHE A 32 7.42 -4.82 26.48
N PRO A 33 8.41 -5.18 27.31
CA PRO A 33 9.67 -4.42 27.32
C PRO A 33 10.48 -4.65 26.05
N ARG A 34 11.04 -3.55 25.52
CA ARG A 34 11.78 -3.62 24.26
C ARG A 34 13.02 -4.48 24.41
N ASP A 35 13.65 -4.48 25.59
CA ASP A 35 14.87 -5.24 25.82
C ASP A 35 14.64 -6.75 25.85
N LYS A 36 13.40 -7.20 25.91
CA LYS A 36 13.06 -8.62 25.89
C LYS A 36 12.61 -9.10 24.51
N LEU A 37 12.68 -8.25 23.50
CA LEU A 37 12.23 -8.60 22.15
C LEU A 37 13.42 -8.54 21.20
N THR A 38 13.65 -9.63 20.49
CA THR A 38 14.73 -9.72 19.51
C THR A 38 14.09 -9.94 18.14
N LEU A 39 14.17 -8.92 17.28
CA LEU A 39 13.56 -9.00 15.95
C LEU A 39 14.36 -9.94 15.04
N GLY A 40 13.64 -10.73 14.24
CA GLY A 40 14.26 -11.72 13.39
C GLY A 40 13.93 -11.55 11.92
N LYS A 41 13.71 -12.65 11.20
CA LYS A 41 13.58 -12.55 9.76
C LYS A 41 12.19 -12.05 9.36
N PRO A 42 12.10 -11.33 8.24
CA PRO A 42 10.79 -10.83 7.79
C PRO A 42 9.83 -11.96 7.43
N LEU A 43 8.55 -11.73 7.77
CA LEU A 43 7.47 -12.63 7.40
C LEU A 43 6.61 -12.07 6.29
N GLY A 44 6.51 -10.76 6.19
CA GLY A 44 5.69 -10.18 5.16
C GLY A 44 5.89 -8.68 5.10
N GLU A 45 5.62 -8.14 3.93
CA GLU A 45 5.62 -6.70 3.68
C GLU A 45 4.39 -6.46 2.83
N GLY A 46 3.43 -5.73 3.35
CA GLY A 46 2.20 -5.43 2.63
C GLY A 46 2.44 -4.11 1.93
N ALA A 47 1.66 -3.09 2.25
CA ALA A 47 2.06 -1.73 1.92
C ALA A 47 2.00 -0.78 3.10
N PHE A 48 1.16 -1.02 4.11
CA PHE A 48 1.07 -0.13 5.25
C PHE A 48 1.99 -0.55 6.38
N GLY A 49 2.29 -1.84 6.49
CA GLY A 49 3.17 -2.32 7.54
C GLY A 49 4.03 -3.46 7.04
N GLN A 50 4.87 -3.93 7.94
CA GLN A 50 5.68 -5.09 7.68
C GLN A 50 5.67 -5.92 8.94
N VAL A 51 5.83 -7.23 8.77
CA VAL A 51 5.75 -8.17 9.87
C VAL A 51 7.04 -8.97 9.90
N VAL A 52 7.63 -9.10 11.08
CA VAL A 52 8.88 -9.82 11.25
C VAL A 52 8.69 -10.85 12.34
N MET A 53 9.38 -11.97 12.19
CA MET A 53 9.48 -12.95 13.25
C MET A 53 10.34 -12.39 14.38
N ALA A 54 10.07 -12.81 15.61
CA ALA A 54 10.85 -12.28 16.73
C ALA A 54 10.81 -13.25 17.89
N GLU A 55 11.74 -13.09 18.81
CA GLU A 55 11.79 -13.88 20.02
C GLU A 55 11.44 -12.98 21.21
N ALA A 56 10.39 -13.34 21.93
CA ALA A 56 9.89 -12.52 23.04
C ALA A 56 10.15 -13.30 24.33
N VAL A 57 11.08 -12.80 25.13
CA VAL A 57 11.44 -13.50 26.38
C VAL A 57 10.43 -13.12 27.45
N GLY A 58 9.74 -14.12 27.99
CA GLY A 58 8.85 -13.93 29.12
C GLY A 58 7.46 -13.47 28.78
N ILE A 59 7.07 -13.46 27.50
CA ILE A 59 5.74 -12.97 27.17
C ILE A 59 4.68 -13.97 27.59
N ASP A 60 5.04 -15.24 27.76
CA ASP A 60 4.17 -16.23 28.39
C ASP A 60 4.46 -16.22 29.89
N LYS A 61 3.54 -15.66 30.67
CA LYS A 61 3.68 -15.58 32.12
C LYS A 61 4.00 -16.93 32.76
N ASP A 62 3.46 -18.01 32.19
CA ASP A 62 3.65 -19.36 32.72
C ASP A 62 5.02 -19.94 32.42
N LYS A 63 5.82 -19.31 31.58
CA LYS A 63 7.20 -19.75 31.30
C LYS A 63 8.08 -18.50 31.22
N PRO A 64 8.37 -17.88 32.37
CA PRO A 64 8.81 -16.47 32.36
C PRO A 64 10.24 -16.23 31.92
N LYS A 65 11.11 -17.23 31.93
CA LYS A 65 12.45 -17.07 31.38
C LYS A 65 12.56 -17.58 29.96
N GLU A 66 11.43 -18.03 29.39
CA GLU A 66 11.41 -18.73 28.12
C GLU A 66 11.16 -17.74 26.98
N ALA A 67 11.95 -17.85 25.92
CA ALA A 67 11.72 -17.07 24.71
C ALA A 67 10.74 -17.81 23.80
N VAL A 68 9.68 -17.11 23.37
CA VAL A 68 8.70 -17.70 22.46
C VAL A 68 8.71 -16.92 21.15
N THR A 69 8.60 -17.66 20.05
CA THR A 69 8.58 -17.05 18.73
C THR A 69 7.24 -16.36 18.49
N VAL A 70 7.30 -15.09 18.09
CA VAL A 70 6.11 -14.26 17.84
C VAL A 70 6.28 -13.60 16.48
N ALA A 71 5.22 -12.92 16.05
CA ALA A 71 5.26 -12.05 14.89
C ALA A 71 5.02 -10.62 15.34
N VAL A 72 5.79 -9.70 14.79
CA VAL A 72 5.77 -8.30 15.19
C VAL A 72 5.39 -7.46 13.97
N LYS A 73 4.32 -6.72 14.09
CA LYS A 73 3.92 -5.77 13.04
C LYS A 73 4.41 -4.38 13.41
N MET A 74 4.96 -3.66 12.42
CA MET A 74 5.59 -2.37 12.65
C MET A 74 5.46 -1.56 11.37
N LEU A 75 5.81 -0.28 11.46
CA LEU A 75 5.81 0.57 10.28
C LEU A 75 7.07 0.34 9.45
N LYS A 76 7.00 0.70 8.17
CA LYS A 76 8.14 0.76 7.28
C LYS A 76 8.78 2.16 7.36
N ASP A 77 9.97 2.30 6.75
CA ASP A 77 10.66 3.60 6.78
C ASP A 77 9.86 4.67 6.06
N ASP A 78 9.14 4.30 5.00
CA ASP A 78 8.37 5.25 4.22
C ASP A 78 6.91 5.34 4.67
N ALA A 79 6.62 4.98 5.93
CA ALA A 79 5.24 4.98 6.41
C ALA A 79 4.60 6.37 6.32
N THR A 80 3.29 6.36 6.08
CA THR A 80 2.45 7.55 6.06
C THR A 80 1.77 7.71 7.42
N GLU A 81 1.09 8.85 7.60
CA GLU A 81 0.28 9.02 8.81
C GLU A 81 -0.81 7.97 8.90
N LYS A 82 -1.47 7.69 7.77
CA LYS A 82 -2.53 6.68 7.75
C LYS A 82 -1.99 5.29 8.12
N ASP A 83 -0.76 4.97 7.69
CA ASP A 83 -0.15 3.71 8.11
C ASP A 83 -0.08 3.61 9.62
N LEU A 84 0.38 4.68 10.28
CA LEU A 84 0.49 4.68 11.74
C LEU A 84 -0.90 4.62 12.38
N SER A 85 -1.85 5.39 11.85
CA SER A 85 -3.22 5.33 12.37
C SER A 85 -3.78 3.92 12.25
N ASP A 86 -3.54 3.25 11.11
CA ASP A 86 -4.02 1.88 10.94
C ASP A 86 -3.38 0.93 11.94
N LEU A 87 -2.08 1.10 12.21
CA LEU A 87 -1.41 0.19 13.13
C LEU A 87 -1.94 0.35 14.53
N VAL A 88 -2.14 1.59 14.97
CA VAL A 88 -2.77 1.85 16.27
C VAL A 88 -4.18 1.25 16.30
N SER A 89 -4.95 1.48 15.23
CA SER A 89 -6.33 0.99 15.19
C SER A 89 -6.36 -0.53 15.25
N GLU A 90 -5.48 -1.20 14.50
CA GLU A 90 -5.41 -2.65 14.57
C GLU A 90 -5.12 -3.12 15.99
N MET A 91 -4.16 -2.48 16.66
CA MET A 91 -3.84 -2.87 18.03
C MET A 91 -5.04 -2.70 18.93
N GLU A 92 -5.70 -1.53 18.88
CA GLU A 92 -6.84 -1.26 19.75
C GLU A 92 -8.01 -2.16 19.41
N MET A 93 -8.23 -2.48 18.13
CA MET A 93 -9.31 -3.41 17.82
C MET A 93 -9.06 -4.78 18.43
N MET A 94 -7.83 -5.28 18.36
CA MET A 94 -7.55 -6.60 18.91
C MET A 94 -7.67 -6.62 20.42
N LYS A 95 -7.31 -5.52 21.08
CA LYS A 95 -7.55 -5.42 22.53
C LYS A 95 -9.02 -5.60 22.84
N MET A 96 -9.90 -4.85 22.16
CA MET A 96 -11.30 -4.90 22.52
C MET A 96 -11.96 -6.20 22.08
N ILE A 97 -11.50 -6.82 20.98
CA ILE A 97 -12.14 -8.02 20.47
C ILE A 97 -12.09 -9.14 21.50
N GLY A 98 -10.97 -9.29 22.19
CA GLY A 98 -10.81 -10.40 23.10
C GLY A 98 -10.37 -11.67 22.37
N LYS A 99 -10.30 -12.75 23.14
CA LYS A 99 -9.66 -13.98 22.71
C LYS A 99 -10.64 -14.94 22.04
N HIS A 100 -10.21 -15.52 20.92
CA HIS A 100 -10.93 -16.64 20.32
C HIS A 100 -9.94 -17.53 19.57
N LYS A 101 -10.26 -18.82 19.54
CA LYS A 101 -9.42 -19.84 18.90
C LYS A 101 -9.12 -19.55 17.44
N ASN A 102 -10.05 -18.88 16.74
CA ASN A 102 -9.88 -18.62 15.31
C ASN A 102 -9.63 -17.14 15.00
N ILE A 103 -9.10 -16.40 15.98
CA ILE A 103 -8.62 -15.04 15.78
C ILE A 103 -7.16 -15.00 16.23
N ILE A 104 -6.29 -14.47 15.36
CA ILE A 104 -4.88 -14.41 15.70
C ILE A 104 -4.71 -13.68 17.04
N ASN A 105 -3.88 -14.25 17.92
CA ASN A 105 -3.85 -13.86 19.33
C ASN A 105 -2.92 -12.67 19.55
N LEU A 106 -3.47 -11.56 20.06
CA LEU A 106 -2.66 -10.42 20.46
C LEU A 106 -1.92 -10.73 21.78
N LEU A 107 -0.60 -10.57 21.78
CA LEU A 107 0.24 -10.89 22.93
C LEU A 107 0.74 -9.67 23.68
N GLY A 108 1.00 -8.56 22.99
CA GLY A 108 1.52 -7.38 23.63
C GLY A 108 1.91 -6.34 22.61
N ALA A 109 2.49 -5.25 23.11
CA ALA A 109 2.89 -4.14 22.26
C ALA A 109 4.02 -3.38 22.92
N CYS A 110 4.93 -2.84 22.11
CA CYS A 110 5.90 -1.85 22.57
C CYS A 110 5.43 -0.50 22.02
N THR A 111 4.91 0.35 22.90
CA THR A 111 4.26 1.60 22.47
C THR A 111 4.93 2.86 22.96
N GLN A 112 5.74 2.80 24.02
CA GLN A 112 6.35 3.97 24.62
C GLN A 112 7.80 4.08 24.19
N ASP A 113 8.27 5.32 23.97
CA ASP A 113 9.69 5.63 23.77
C ASP A 113 10.31 4.81 22.64
N GLY A 114 9.68 4.85 21.46
CA GLY A 114 10.22 4.18 20.30
C GLY A 114 9.15 3.77 19.30
N PRO A 115 9.55 2.99 18.29
CA PRO A 115 8.60 2.58 17.25
C PRO A 115 7.52 1.69 17.83
N LEU A 116 6.32 1.82 17.28
CA LEU A 116 5.21 0.99 17.70
C LEU A 116 5.37 -0.44 17.17
N TYR A 117 5.46 -1.41 18.07
CA TYR A 117 5.49 -2.82 17.71
C TYR A 117 4.23 -3.48 18.25
N VAL A 118 3.48 -4.14 17.39
CA VAL A 118 2.29 -4.88 17.79
C VAL A 118 2.67 -6.35 17.71
N ILE A 119 2.68 -7.02 18.87
CA ILE A 119 3.20 -8.39 18.97
C ILE A 119 2.03 -9.36 18.98
N VAL A 120 2.07 -10.33 18.08
CA VAL A 120 0.97 -11.24 17.85
C VAL A 120 1.55 -12.64 17.78
N ALA A 121 0.71 -13.64 18.08
CA ALA A 121 1.13 -15.04 17.97
C ALA A 121 1.59 -15.34 16.55
N TYR A 122 2.61 -16.20 16.46
CA TYR A 122 3.19 -16.60 15.18
C TYR A 122 2.40 -17.77 14.57
N ALA A 123 2.11 -17.67 13.28
CA ALA A 123 1.40 -18.72 12.53
C ALA A 123 2.38 -19.30 11.51
N SER A 124 2.93 -20.47 11.83
CA SER A 124 4.10 -20.96 11.10
C SER A 124 3.77 -21.40 9.69
N LYS A 125 2.51 -21.65 9.34
CA LYS A 125 2.18 -22.08 7.99
C LYS A 125 1.69 -20.93 7.10
N GLY A 126 1.73 -19.69 7.60
CA GLY A 126 1.60 -18.56 6.69
C GLY A 126 0.15 -18.26 6.29
N ASN A 127 0.01 -17.47 5.23
CA ASN A 127 -1.29 -16.97 4.82
C ASN A 127 -2.08 -18.08 4.13
N LEU A 128 -3.41 -17.98 4.23
CA LEU A 128 -4.28 -19.06 3.77
C LEU A 128 -4.21 -19.29 2.27
N ARG A 129 -4.11 -18.22 1.46
CA ARG A 129 -4.10 -18.45 0.01
C ARG A 129 -2.94 -19.34 -0.40
N GLU A 130 -1.73 -19.02 0.07
CA GLU A 130 -0.57 -19.82 -0.29
C GLU A 130 -0.60 -21.20 0.36
N TYR A 131 -1.18 -21.31 1.55
CA TYR A 131 -1.37 -22.60 2.19
C TYR A 131 -2.23 -23.54 1.33
N LEU A 132 -3.33 -23.01 0.79
CA LEU A 132 -4.20 -23.81 -0.07
C LEU A 132 -3.53 -24.14 -1.40
N ARG A 133 -2.89 -23.14 -2.02
CA ARG A 133 -2.26 -23.39 -3.31
C ARG A 133 -1.15 -24.43 -3.21
N ALA A 134 -0.40 -24.43 -2.09
CA ALA A 134 0.63 -25.45 -1.89
C ALA A 134 0.06 -26.85 -1.67
N ARG A 135 -1.23 -26.96 -1.35
CA ARG A 135 -1.83 -28.25 -1.05
C ARG A 135 -2.91 -28.62 -2.07
N ARG A 136 -2.76 -28.13 -3.30
CA ARG A 136 -3.66 -28.50 -4.39
C ARG A 136 -3.40 -29.91 -4.90
N PRO A 137 -4.43 -30.57 -5.42
CA PRO A 137 -4.22 -31.86 -6.10
C PRO A 137 -3.39 -31.65 -7.35
N PRO A 138 -2.53 -32.63 -7.69
CA PRO A 138 -1.74 -32.57 -8.93
C PRO A 138 -2.60 -32.37 -10.19
N TYR A 144 5.89 -25.46 -12.54
CA TYR A 144 6.66 -26.18 -11.52
C TYR A 144 6.77 -25.37 -10.23
N ASP A 145 6.18 -25.86 -9.14
CA ASP A 145 6.08 -25.12 -7.90
C ASP A 145 6.93 -25.80 -6.81
N ILE A 146 8.04 -25.16 -6.42
CA ILE A 146 8.87 -25.68 -5.34
C ILE A 146 8.28 -25.50 -3.95
N ASN A 147 7.15 -24.81 -3.83
CA ASN A 147 6.50 -24.58 -2.55
C ASN A 147 5.39 -25.56 -2.23
N ARG A 148 5.16 -26.59 -3.05
CA ARG A 148 4.04 -27.48 -2.80
C ARG A 148 4.32 -28.38 -1.61
N VAL A 149 3.25 -28.78 -0.93
CA VAL A 149 3.33 -29.69 0.20
C VAL A 149 2.43 -30.88 -0.11
N PRO A 150 2.90 -31.87 -0.88
CA PRO A 150 1.99 -32.95 -1.30
C PRO A 150 1.49 -33.81 -0.16
N GLU A 151 2.29 -34.02 0.89
CA GLU A 151 1.88 -34.81 2.04
C GLU A 151 0.75 -34.18 2.82
N GLU A 152 0.36 -32.95 2.51
CA GLU A 152 -0.75 -32.28 3.19
C GLU A 152 -1.84 -31.82 2.24
N GLN A 153 -2.01 -32.54 1.11
CA GLN A 153 -3.00 -32.13 0.12
C GLN A 153 -4.39 -32.06 0.73
N MET A 154 -5.17 -31.08 0.30
CA MET A 154 -6.46 -30.81 0.95
C MET A 154 -7.49 -31.83 0.49
N THR A 155 -8.20 -32.42 1.44
CA THR A 155 -9.41 -33.17 1.16
C THR A 155 -10.64 -32.24 1.23
N PHE A 156 -11.76 -32.75 0.75
CA PHE A 156 -13.01 -32.02 0.89
C PHE A 156 -13.30 -31.72 2.35
N LYS A 157 -13.12 -32.72 3.22
CA LYS A 157 -13.31 -32.49 4.65
C LYS A 157 -12.39 -31.40 5.18
N ASP A 158 -11.13 -31.36 4.72
CA ASP A 158 -10.22 -30.30 5.15
C ASP A 158 -10.78 -28.93 4.78
N LEU A 159 -11.34 -28.80 3.57
CA LEU A 159 -11.86 -27.53 3.09
C LEU A 159 -13.07 -27.10 3.88
N VAL A 160 -13.98 -28.05 4.17
CA VAL A 160 -15.14 -27.73 5.02
C VAL A 160 -14.68 -27.33 6.41
N SER A 161 -13.68 -28.03 6.94
CA SER A 161 -13.19 -27.71 8.29
C SER A 161 -12.58 -26.31 8.34
N CYS A 162 -11.80 -25.96 7.32
CA CYS A 162 -11.28 -24.60 7.20
CA CYS A 162 -11.28 -24.59 7.19
C CYS A 162 -12.40 -23.57 7.23
N THR A 163 -13.44 -23.79 6.43
CA THR A 163 -14.57 -22.87 6.36
C THR A 163 -15.28 -22.77 7.70
N TYR A 164 -15.51 -23.91 8.35
CA TYR A 164 -16.20 -23.93 9.64
C TYR A 164 -15.41 -23.14 10.70
N GLN A 165 -14.09 -23.36 10.78
CA GLN A 165 -13.27 -22.59 11.72
C GLN A 165 -13.39 -21.10 11.47
N LEU A 166 -13.36 -20.68 10.20
CA LEU A 166 -13.44 -19.26 9.92
C LEU A 166 -14.84 -18.71 10.24
N ALA A 167 -15.89 -19.49 10.01
CA ALA A 167 -17.22 -19.05 10.41
C ALA A 167 -17.32 -18.89 11.93
N ARG A 168 -16.67 -19.79 12.68
CA ARG A 168 -16.66 -19.65 14.13
C ARG A 168 -15.93 -18.39 14.56
N GLY A 169 -14.80 -18.09 13.94
CA GLY A 169 -14.12 -16.85 14.26
C GLY A 169 -14.97 -15.62 13.99
N MET A 170 -15.70 -15.62 12.87
CA MET A 170 -16.52 -14.48 12.52
C MET A 170 -17.79 -14.40 13.39
N GLU A 171 -18.36 -15.55 13.73
CA GLU A 171 -19.47 -15.56 14.67
C GLU A 171 -19.04 -14.89 15.98
N TYR A 172 -17.85 -15.24 16.48
CA TYR A 172 -17.34 -14.57 17.67
C TYR A 172 -17.13 -13.09 17.42
N LEU A 173 -16.51 -12.74 16.29
CA LEU A 173 -16.26 -11.33 15.99
C LEU A 173 -17.56 -10.54 15.98
N ALA A 174 -18.58 -11.08 15.29
CA ALA A 174 -19.86 -10.41 15.23
C ALA A 174 -20.54 -10.34 16.59
N SER A 175 -20.35 -11.34 17.45
CA SER A 175 -20.91 -11.24 18.80
C SER A 175 -20.29 -10.12 19.62
N GLN A 176 -19.06 -9.71 19.29
CA GLN A 176 -18.43 -8.56 19.91
C GLN A 176 -18.82 -7.24 19.25
N LYS A 177 -19.77 -7.28 18.31
CA LYS A 177 -20.27 -6.08 17.63
C LYS A 177 -19.16 -5.37 16.85
N CYS A 178 -18.24 -6.16 16.29
CA CYS A 178 -17.15 -5.67 15.45
CA CYS A 178 -17.20 -5.61 15.44
C CYS A 178 -17.33 -6.18 14.03
N ILE A 179 -17.02 -5.34 13.06
CA ILE A 179 -16.99 -5.73 11.65
C ILE A 179 -15.52 -5.75 11.22
N HIS A 180 -15.15 -6.79 10.46
CA HIS A 180 -13.77 -6.91 9.99
C HIS A 180 -13.52 -6.00 8.80
N ARG A 181 -14.40 -6.05 7.79
CA ARG A 181 -14.44 -5.27 6.56
C ARG A 181 -13.41 -5.71 5.51
N ASP A 182 -12.45 -6.56 5.84
CA ASP A 182 -11.41 -6.93 4.88
C ASP A 182 -11.16 -8.43 4.94
N LEU A 183 -12.24 -9.21 5.02
CA LEU A 183 -12.11 -10.65 5.12
C LEU A 183 -11.73 -11.19 3.75
N ALA A 184 -10.72 -12.07 3.72
CA ALA A 184 -10.17 -12.59 2.48
C ALA A 184 -9.10 -13.59 2.86
N ALA A 185 -8.79 -14.49 1.94
CA ALA A 185 -7.79 -15.51 2.22
C ALA A 185 -6.43 -14.89 2.57
N ARG A 186 -6.12 -13.73 1.98
CA ARG A 186 -4.83 -13.10 2.28
C ARG A 186 -4.74 -12.63 3.73
N ASN A 187 -5.87 -12.44 4.41
CA ASN A 187 -5.90 -11.97 5.79
C ASN A 187 -6.21 -13.10 6.77
N VAL A 188 -6.01 -14.35 6.35
CA VAL A 188 -6.11 -15.50 7.24
C VAL A 188 -4.73 -16.14 7.34
N LEU A 189 -4.36 -16.53 8.57
CA LEU A 189 -3.10 -17.22 8.84
C LEU A 189 -3.39 -18.65 9.30
N VAL A 190 -2.42 -19.54 9.11
CA VAL A 190 -2.55 -20.96 9.47
C VAL A 190 -1.40 -21.38 10.38
N THR A 191 -1.73 -21.94 11.54
CA THR A 191 -0.72 -22.32 12.53
C THR A 191 -0.12 -23.68 12.20
N GLU A 192 0.92 -24.03 12.97
CA GLU A 192 1.58 -25.33 12.84
C GLU A 192 0.59 -26.48 12.94
N ASN A 193 -0.45 -26.35 13.77
CA ASN A 193 -1.47 -27.38 13.90
C ASN A 193 -2.67 -27.16 12.98
N ASN A 194 -2.51 -26.36 11.93
CA ASN A 194 -3.54 -26.15 10.91
C ASN A 194 -4.79 -25.45 11.46
N VAL A 195 -4.63 -24.61 12.47
CA VAL A 195 -5.74 -23.82 12.97
C VAL A 195 -5.84 -22.53 12.16
N MET A 196 -7.05 -22.23 11.71
CA MET A 196 -7.32 -21.01 10.96
C MET A 196 -7.38 -19.82 11.91
N LYS A 197 -6.67 -18.75 11.57
CA LYS A 197 -6.61 -17.53 12.38
C LYS A 197 -6.94 -16.31 11.53
N ILE A 198 -8.08 -15.68 11.79
CA ILE A 198 -8.39 -14.41 11.16
C ILE A 198 -7.40 -13.37 11.66
N ALA A 199 -6.83 -12.58 10.73
CA ALA A 199 -5.80 -11.61 11.09
C ALA A 199 -6.10 -10.28 10.38
N ASP A 200 -5.15 -9.35 10.46
CA ASP A 200 -5.20 -8.04 9.81
C ASP A 200 -6.48 -7.26 10.14
N PHE A 201 -6.50 -6.76 11.37
CA PHE A 201 -7.65 -6.03 11.87
C PHE A 201 -7.52 -4.53 11.66
N GLY A 202 -6.64 -4.10 10.74
CA GLY A 202 -6.37 -2.69 10.53
C GLY A 202 -7.51 -1.92 9.89
N LEU A 203 -8.48 -2.60 9.31
CA LEU A 203 -9.67 -1.93 8.79
C LEU A 203 -10.91 -2.22 9.62
N ALA A 204 -10.80 -3.01 10.68
CA ALA A 204 -11.96 -3.41 11.46
C ALA A 204 -12.50 -2.23 12.27
N ARG A 205 -13.80 -2.27 12.57
CA ARG A 205 -14.46 -1.17 13.26
C ARG A 205 -15.42 -1.71 14.31
N ASP A 206 -15.63 -0.91 15.36
CA ASP A 206 -16.57 -1.22 16.43
C ASP A 206 -17.92 -0.61 16.10
N ILE A 207 -18.94 -1.44 15.90
CA ILE A 207 -20.25 -0.86 15.58
C ILE A 207 -21.25 -1.13 16.69
N ASN A 208 -20.75 -1.27 17.93
CA ASN A 208 -21.65 -1.29 19.08
C ASN A 208 -22.43 0.02 19.18
N ASN A 209 -23.74 -0.07 19.39
CA ASN A 209 -24.63 1.07 19.62
C ASN A 209 -24.90 1.91 18.37
N ILE A 210 -24.49 1.44 17.18
CA ILE A 210 -24.90 2.08 15.93
C ILE A 210 -25.46 0.99 15.02
N ASP A 211 -26.36 1.40 14.13
CA ASP A 211 -27.02 0.41 13.30
C ASP A 211 -26.19 -0.03 12.11
N TYR A 212 -25.26 0.80 11.67
CA TYR A 212 -24.40 0.45 10.55
C TYR A 212 -23.22 1.42 10.55
N TYR A 213 -22.14 1.01 9.91
CA TYR A 213 -20.97 1.86 9.73
C TYR A 213 -21.09 2.59 8.41
N LYS A 214 -20.83 3.89 8.43
CA LYS A 214 -20.98 4.72 7.25
C LYS A 214 -19.65 4.79 6.50
N MET A 215 -19.64 4.31 5.26
CA MET A 215 -18.44 4.32 4.45
C MET A 215 -18.21 5.70 3.84
N THR A 216 -16.94 6.04 3.60
CA THR A 216 -16.63 7.24 2.83
C THR A 216 -16.94 7.01 1.36
N THR A 217 -16.76 8.06 0.54
CA THR A 217 -17.12 8.00 -0.87
C THR A 217 -16.36 6.89 -1.60
N ASN A 218 -15.05 6.80 -1.37
CA ASN A 218 -14.20 5.79 -1.99
C ASN A 218 -13.41 5.11 -0.87
N GLY A 219 -13.75 3.86 -0.55
CA GLY A 219 -13.14 3.19 0.57
C GLY A 219 -11.80 2.57 0.25
N ARG A 220 -11.25 1.93 1.27
CA ARG A 220 -9.98 1.21 1.17
C ARG A 220 -10.19 -0.29 1.30
N LEU A 221 -11.38 -0.78 0.87
CA LEU A 221 -11.70 -2.19 0.92
C LEU A 221 -11.59 -2.80 -0.46
N PRO A 222 -10.84 -3.88 -0.62
CA PRO A 222 -10.74 -4.53 -1.95
C PRO A 222 -12.11 -4.81 -2.55
N VAL A 223 -12.34 -4.26 -3.75
CA VAL A 223 -13.68 -4.24 -4.35
C VAL A 223 -14.24 -5.63 -4.53
N LYS A 224 -13.40 -6.61 -4.91
CA LYS A 224 -13.92 -7.95 -5.20
C LYS A 224 -14.42 -8.70 -3.96
N TRP A 225 -14.20 -8.18 -2.75
CA TRP A 225 -14.78 -8.78 -1.55
C TRP A 225 -15.87 -7.91 -0.91
N MET A 226 -16.21 -6.77 -1.51
CA MET A 226 -17.14 -5.81 -0.92
C MET A 226 -18.59 -6.14 -1.26
N ALA A 227 -19.44 -6.10 -0.24
CA ALA A 227 -20.87 -6.26 -0.44
C ALA A 227 -21.46 -5.07 -1.21
N PRO A 228 -22.49 -5.31 -2.03
CA PRO A 228 -23.03 -4.22 -2.86
C PRO A 228 -23.58 -3.05 -2.06
N GLU A 229 -24.16 -3.29 -0.87
CA GLU A 229 -24.67 -2.16 -0.10
C GLU A 229 -23.53 -1.28 0.38
N ALA A 230 -22.34 -1.85 0.57
CA ALA A 230 -21.18 -1.01 0.86
C ALA A 230 -20.76 -0.26 -0.40
N LEU A 231 -20.67 -0.97 -1.53
CA LEU A 231 -20.25 -0.36 -2.80
C LEU A 231 -21.15 0.81 -3.20
N PHE A 232 -22.46 0.60 -3.14
CA PHE A 232 -23.42 1.52 -3.75
C PHE A 232 -24.20 2.37 -2.76
N ASP A 233 -24.41 1.90 -1.54
CA ASP A 233 -25.15 2.65 -0.53
C ASP A 233 -24.28 3.13 0.62
N ARG A 234 -22.98 2.82 0.62
CA ARG A 234 -22.06 3.34 1.64
C ARG A 234 -22.41 2.89 3.05
N VAL A 235 -23.01 1.68 3.20
CA VAL A 235 -23.33 1.14 4.51
C VAL A 235 -22.62 -0.20 4.70
N TYR A 236 -22.19 -0.47 5.94
CA TYR A 236 -21.49 -1.71 6.27
C TYR A 236 -22.07 -2.26 7.57
N THR A 237 -22.56 -3.50 7.55
CA THR A 237 -23.07 -4.19 8.74
C THR A 237 -22.39 -5.56 8.86
N HIS A 238 -22.78 -6.32 9.88
CA HIS A 238 -22.29 -7.69 9.95
C HIS A 238 -22.65 -8.48 8.71
N GLN A 239 -23.81 -8.19 8.11
CA GLN A 239 -24.20 -8.92 6.92
C GLN A 239 -23.32 -8.58 5.72
N SER A 240 -22.63 -7.43 5.76
CA SER A 240 -21.64 -7.12 4.74
C SER A 240 -20.41 -8.01 4.89
N ASP A 241 -19.99 -8.27 6.14
CA ASP A 241 -18.95 -9.27 6.38
C ASP A 241 -19.40 -10.64 5.87
N VAL A 242 -20.70 -10.96 5.99
CA VAL A 242 -21.20 -12.26 5.50
C VAL A 242 -20.99 -12.38 3.99
N TRP A 243 -21.26 -11.31 3.24
CA TRP A 243 -20.93 -11.31 1.81
C TRP A 243 -19.47 -11.65 1.58
N SER A 244 -18.55 -10.95 2.27
CA SER A 244 -17.12 -11.22 2.10
C SER A 244 -16.78 -12.65 2.45
N PHE A 245 -17.43 -13.20 3.49
CA PHE A 245 -17.19 -14.60 3.85
C PHE A 245 -17.53 -15.54 2.70
N GLY A 246 -18.60 -15.24 1.94
CA GLY A 246 -18.90 -16.04 0.77
C GLY A 246 -17.80 -16.01 -0.27
N VAL A 247 -17.22 -14.84 -0.52
CA VAL A 247 -16.07 -14.78 -1.41
C VAL A 247 -14.91 -15.58 -0.84
N LEU A 248 -14.71 -15.49 0.48
CA LEU A 248 -13.67 -16.26 1.14
C LEU A 248 -13.90 -17.76 0.95
N MET A 249 -15.16 -18.20 1.08
CA MET A 249 -15.49 -19.60 0.82
C MET A 249 -15.10 -20.00 -0.59
N TRP A 250 -15.39 -19.15 -1.56
CA TRP A 250 -15.04 -19.45 -2.94
C TRP A 250 -13.52 -19.57 -3.09
N GLU A 251 -12.75 -18.68 -2.43
CA GLU A 251 -11.29 -18.80 -2.42
C GLU A 251 -10.86 -20.14 -1.83
N ILE A 252 -11.52 -20.58 -0.76
CA ILE A 252 -11.16 -21.83 -0.12
C ILE A 252 -11.42 -23.01 -1.06
N PHE A 253 -12.61 -23.05 -1.65
CA PHE A 253 -12.96 -24.22 -2.45
C PHE A 253 -12.37 -24.18 -3.86
N THR A 254 -11.76 -23.07 -4.27
CA THR A 254 -10.87 -23.09 -5.43
C THR A 254 -9.41 -23.31 -5.02
N LEU A 255 -9.16 -23.62 -3.74
CA LEU A 255 -7.81 -23.87 -3.24
C LEU A 255 -6.92 -22.67 -3.51
N GLY A 256 -7.40 -21.49 -3.11
CA GLY A 256 -6.63 -20.27 -3.25
C GLY A 256 -6.74 -19.58 -4.59
N GLY A 257 -7.88 -19.69 -5.29
CA GLY A 257 -8.09 -18.96 -6.53
C GLY A 257 -8.45 -17.49 -6.27
N SER A 258 -8.26 -16.65 -7.30
CA SER A 258 -8.66 -15.26 -7.07
C SER A 258 -10.04 -14.98 -7.67
N PRO A 259 -10.87 -14.21 -6.96
CA PRO A 259 -12.30 -14.11 -7.32
C PRO A 259 -12.53 -13.31 -8.61
N TYR A 260 -13.72 -13.55 -9.19
CA TYR A 260 -14.16 -13.00 -10.47
C TYR A 260 -13.02 -13.06 -11.49
N PRO A 261 -12.54 -14.26 -11.83
CA PRO A 261 -11.34 -14.37 -12.67
C PRO A 261 -11.57 -13.75 -14.04
N GLY A 262 -10.60 -12.94 -14.47
CA GLY A 262 -10.72 -12.25 -15.73
C GLY A 262 -11.64 -11.04 -15.74
N ILE A 263 -12.26 -10.68 -14.63
CA ILE A 263 -13.13 -9.50 -14.59
C ILE A 263 -12.39 -8.40 -13.84
N PRO A 264 -12.00 -7.30 -14.49
CA PRO A 264 -11.34 -6.22 -13.76
C PRO A 264 -12.32 -5.50 -12.86
N VAL A 265 -11.82 -4.92 -11.77
CA VAL A 265 -12.77 -4.31 -10.84
C VAL A 265 -13.58 -3.23 -11.55
N GLU A 266 -13.01 -2.55 -12.55
CA GLU A 266 -13.78 -1.46 -13.18
C GLU A 266 -15.02 -2.00 -13.90
N GLU A 267 -15.00 -3.25 -14.36
CA GLU A 267 -16.19 -3.81 -14.97
C GLU A 267 -17.10 -4.51 -13.97
N LEU A 268 -16.58 -4.86 -12.77
CA LEU A 268 -17.38 -5.64 -11.83
C LEU A 268 -18.54 -4.83 -11.25
N PHE A 269 -18.39 -3.50 -11.10
CA PHE A 269 -19.46 -2.71 -10.49
C PHE A 269 -20.78 -2.93 -11.22
N LYS A 270 -20.78 -2.79 -12.54
CA LYS A 270 -22.00 -2.92 -13.30
C LYS A 270 -22.48 -4.37 -13.31
N LEU A 271 -21.55 -5.33 -13.41
CA LEU A 271 -21.96 -6.73 -13.37
C LEU A 271 -22.67 -7.06 -12.05
N LEU A 272 -22.16 -6.56 -10.93
CA LEU A 272 -22.82 -6.82 -9.66
C LEU A 272 -24.23 -6.23 -9.64
N LYS A 273 -24.39 -5.02 -10.20
CA LYS A 273 -25.72 -4.41 -10.26
C LYS A 273 -26.67 -5.22 -11.12
N GLU A 274 -26.15 -5.96 -12.09
CA GLU A 274 -26.98 -6.80 -12.91
C GLU A 274 -27.19 -8.19 -12.33
N GLY A 275 -26.69 -8.46 -11.12
CA GLY A 275 -26.89 -9.74 -10.48
C GLY A 275 -25.83 -10.79 -10.74
N HIS A 276 -24.71 -10.41 -11.36
CA HIS A 276 -23.63 -11.37 -11.62
C HIS A 276 -23.14 -11.98 -10.31
N ARG A 277 -22.88 -13.29 -10.34
CA ARG A 277 -22.29 -14.01 -9.22
C ARG A 277 -21.30 -15.02 -9.79
N MET A 278 -20.27 -15.34 -9.00
CA MET A 278 -19.25 -16.29 -9.44
C MET A 278 -19.86 -17.68 -9.63
N ASP A 279 -19.26 -18.44 -10.54
CA ASP A 279 -19.66 -19.82 -10.81
C ASP A 279 -19.21 -20.75 -9.68
N LYS A 280 -19.75 -21.96 -9.72
CA LYS A 280 -19.42 -22.97 -8.73
C LYS A 280 -17.97 -23.43 -8.90
N PRO A 281 -17.18 -23.45 -7.83
CA PRO A 281 -15.83 -24.04 -7.90
C PRO A 281 -15.84 -25.54 -8.20
N ALA A 282 -14.75 -25.99 -8.83
CA ALA A 282 -14.64 -27.39 -9.26
C ALA A 282 -14.77 -28.38 -8.09
N ASN A 283 -14.16 -28.08 -6.94
CA ASN A 283 -14.08 -29.03 -5.84
C ASN A 283 -15.24 -28.90 -4.86
N CYS A 284 -16.36 -28.34 -5.28
CA CYS A 284 -17.44 -27.96 -4.38
C CYS A 284 -18.72 -28.74 -4.69
N THR A 285 -19.45 -29.13 -3.65
CA THR A 285 -20.80 -29.66 -3.80
C THR A 285 -21.77 -28.53 -4.09
N ASN A 286 -22.91 -28.87 -4.69
CA ASN A 286 -23.97 -27.86 -4.86
C ASN A 286 -24.40 -27.30 -3.50
N GLU A 287 -24.43 -28.16 -2.47
CA GLU A 287 -24.81 -27.69 -1.14
C GLU A 287 -23.90 -26.55 -0.67
N LEU A 288 -22.59 -26.69 -0.84
CA LEU A 288 -21.69 -25.63 -0.40
C LEU A 288 -21.76 -24.42 -1.32
N TYR A 289 -21.96 -24.63 -2.62
CA TYR A 289 -22.09 -23.49 -3.53
C TYR A 289 -23.35 -22.68 -3.22
N MET A 290 -24.46 -23.36 -2.91
CA MET A 290 -25.67 -22.64 -2.53
C MET A 290 -25.47 -21.84 -1.24
N MET A 291 -24.63 -22.34 -0.33
CA MET A 291 -24.29 -21.54 0.84
C MET A 291 -23.55 -20.26 0.44
N MET A 292 -22.58 -20.37 -0.49
CA MET A 292 -21.93 -19.17 -1.03
C MET A 292 -22.96 -18.23 -1.63
N ARG A 293 -23.88 -18.77 -2.45
CA ARG A 293 -24.86 -17.93 -3.11
C ARG A 293 -25.78 -17.26 -2.10
N ASP A 294 -26.11 -17.96 -1.00
CA ASP A 294 -26.92 -17.34 0.05
C ASP A 294 -26.17 -16.17 0.69
N CYS A 295 -24.85 -16.32 0.90
CA CYS A 295 -24.04 -15.22 1.41
C CYS A 295 -24.03 -14.03 0.45
N TRP A 296 -24.28 -14.26 -0.84
CA TRP A 296 -24.30 -13.20 -1.84
C TRP A 296 -25.72 -12.78 -2.20
N HIS A 297 -26.68 -13.02 -1.33
CA HIS A 297 -28.01 -12.49 -1.56
C HIS A 297 -27.93 -10.97 -1.71
N ALA A 298 -28.71 -10.43 -2.65
CA ALA A 298 -28.75 -8.99 -2.83
C ALA A 298 -29.26 -8.27 -1.59
N VAL A 299 -30.13 -8.89 -0.81
CA VAL A 299 -30.74 -8.27 0.36
C VAL A 299 -29.95 -8.70 1.59
N PRO A 300 -29.28 -7.77 2.29
CA PRO A 300 -28.38 -8.19 3.38
C PRO A 300 -29.07 -9.02 4.45
N SER A 301 -30.29 -8.65 4.82
CA SER A 301 -30.99 -9.37 5.88
C SER A 301 -31.43 -10.78 5.45
N GLN A 302 -31.40 -11.10 4.15
CA GLN A 302 -31.68 -12.46 3.69
C GLN A 302 -30.45 -13.34 3.57
N ARG A 303 -29.25 -12.78 3.72
CA ARG A 303 -28.08 -13.63 3.86
C ARG A 303 -28.13 -14.31 5.23
N PRO A 304 -27.51 -15.48 5.37
CA PRO A 304 -27.42 -16.08 6.71
C PRO A 304 -26.59 -15.20 7.64
N THR A 305 -26.82 -15.38 8.94
CA THR A 305 -25.93 -14.81 9.94
C THR A 305 -24.73 -15.72 10.11
N PHE A 306 -23.69 -15.24 10.79
CA PHE A 306 -22.57 -16.13 11.06
C PHE A 306 -22.98 -17.28 12.00
N LYS A 307 -23.89 -17.01 12.95
CA LYS A 307 -24.43 -18.10 13.77
C LYS A 307 -25.05 -19.20 12.92
N GLN A 308 -25.85 -18.83 11.91
CA GLN A 308 -26.47 -19.83 11.06
C GLN A 308 -25.44 -20.59 10.21
N LEU A 309 -24.46 -19.87 9.65
CA LEU A 309 -23.39 -20.53 8.89
C LEU A 309 -22.66 -21.56 9.75
N VAL A 310 -22.34 -21.20 11.00
CA VAL A 310 -21.67 -22.13 11.90
C VAL A 310 -22.50 -23.38 12.07
N GLU A 311 -23.80 -23.21 12.33
CA GLU A 311 -24.68 -24.35 12.53
C GLU A 311 -24.70 -25.24 11.30
N ASP A 312 -24.87 -24.64 10.11
CA ASP A 312 -24.94 -25.43 8.88
C ASP A 312 -23.61 -26.11 8.59
N LEU A 313 -22.50 -25.38 8.74
CA LEU A 313 -21.20 -25.99 8.44
C LEU A 313 -20.89 -27.10 9.43
N ASP A 314 -21.26 -26.93 10.69
CA ASP A 314 -21.05 -28.00 11.67
C ASP A 314 -21.80 -29.27 11.27
N ARG A 315 -23.04 -29.12 10.82
CA ARG A 315 -23.81 -30.29 10.39
C ARG A 315 -23.18 -30.95 9.18
N ILE A 316 -22.75 -30.17 8.19
CA ILE A 316 -22.05 -30.73 7.04
C ILE A 316 -20.74 -31.38 7.47
N LEU A 317 -20.00 -30.73 8.37
CA LEU A 317 -18.71 -31.27 8.77
C LEU A 317 -18.90 -32.56 9.57
N THR A 318 -19.92 -32.61 10.43
CA THR A 318 -20.19 -33.82 11.19
C THR A 318 -20.54 -34.99 10.28
N LEU A 319 -21.38 -34.74 9.27
CA LEU A 319 -21.71 -35.80 8.30
C LEU A 319 -20.47 -36.25 7.54
N THR A 320 -19.62 -35.30 7.16
CA THR A 320 -18.42 -35.63 6.38
C THR A 320 -17.44 -36.45 7.20
N THR A 321 -17.14 -36.00 8.44
CA THR A 321 -16.24 -36.77 9.28
C THR A 321 -16.85 -38.10 9.73
N ASN A 322 -18.18 -38.24 9.62
CA ASN A 322 -18.97 -39.45 9.95
C ASN A 322 -19.27 -39.57 11.45
N GLY B 18 -17.50 8.97 -6.44
CA GLY B 18 -17.58 7.57 -6.05
C GLY B 18 -17.40 6.70 -7.26
N VAL B 19 -16.25 6.02 -7.34
CA VAL B 19 -15.91 5.31 -8.55
C VAL B 19 -16.82 4.10 -8.81
N SER B 20 -17.52 3.60 -7.78
CA SER B 20 -18.34 2.41 -7.99
C SER B 20 -19.54 2.67 -8.89
N GLU B 21 -19.91 3.94 -9.09
CA GLU B 21 -21.01 4.26 -9.99
C GLU B 21 -20.61 5.30 -11.04
N TYR B 22 -19.35 5.68 -11.08
CA TYR B 22 -18.86 6.67 -12.03
C TYR B 22 -18.45 6.02 -13.35
N GLU B 23 -18.96 6.56 -14.44
CA GLU B 23 -18.59 6.13 -15.78
C GLU B 23 -17.58 7.11 -16.33
N LEU B 24 -16.38 6.63 -16.61
CA LEU B 24 -15.35 7.49 -17.19
C LEU B 24 -15.82 8.06 -18.53
N PRO B 25 -15.88 9.37 -18.69
CA PRO B 25 -16.30 9.94 -19.98
C PRO B 25 -15.26 9.71 -21.07
N GLU B 26 -15.73 9.69 -22.31
CA GLU B 26 -14.80 9.60 -23.44
C GLU B 26 -13.93 10.84 -23.51
N ASP B 27 -12.68 10.65 -23.90
CA ASP B 27 -11.74 11.73 -24.16
C ASP B 27 -10.92 11.27 -25.35
N PRO B 28 -11.50 11.37 -26.56
CA PRO B 28 -10.86 10.70 -27.71
C PRO B 28 -9.43 11.15 -27.98
N LYS B 29 -9.05 12.39 -27.70
CA LYS B 29 -7.70 12.82 -28.05
C LYS B 29 -6.63 12.07 -27.27
N TRP B 30 -6.98 11.46 -26.14
CA TRP B 30 -6.05 10.70 -25.32
C TRP B 30 -6.26 9.20 -25.39
N GLU B 31 -7.34 8.75 -26.02
CA GLU B 31 -7.71 7.34 -25.99
C GLU B 31 -6.79 6.56 -26.93
N PHE B 32 -6.38 5.37 -26.50
CA PHE B 32 -5.54 4.49 -27.27
C PHE B 32 -6.23 3.14 -27.43
N PRO B 33 -6.29 2.57 -28.64
CA PRO B 33 -7.03 1.31 -28.82
C PRO B 33 -6.38 0.13 -28.11
N ARG B 34 -7.22 -0.67 -27.44
CA ARG B 34 -6.72 -1.78 -26.63
C ARG B 34 -6.04 -2.85 -27.50
N ASP B 35 -6.52 -3.02 -28.73
CA ASP B 35 -5.99 -4.01 -29.66
C ASP B 35 -4.61 -3.65 -30.20
N LYS B 36 -4.14 -2.41 -29.96
CA LYS B 36 -2.81 -1.98 -30.36
C LYS B 36 -1.81 -2.01 -29.20
N LEU B 37 -2.22 -2.54 -28.04
CA LEU B 37 -1.41 -2.59 -26.85
C LEU B 37 -1.16 -4.05 -26.50
N THR B 38 0.11 -4.43 -26.35
CA THR B 38 0.48 -5.78 -25.95
C THR B 38 1.21 -5.67 -24.63
N LEU B 39 0.57 -6.15 -23.56
CA LEU B 39 1.16 -6.05 -22.24
C LEU B 39 2.35 -7.02 -22.12
N GLY B 40 3.40 -6.57 -21.42
CA GLY B 40 4.62 -7.33 -21.27
C GLY B 40 4.99 -7.54 -19.81
N LYS B 41 6.29 -7.47 -19.50
CA LYS B 41 6.75 -7.90 -18.19
C LYS B 41 6.45 -6.86 -17.11
N PRO B 42 6.22 -7.29 -15.87
CA PRO B 42 6.00 -6.31 -14.79
C PRO B 42 7.25 -5.48 -14.54
N LEU B 43 7.06 -4.19 -14.29
CA LEU B 43 8.14 -3.27 -13.96
C LEU B 43 8.17 -2.91 -12.49
N GLY B 44 7.03 -2.96 -11.83
CA GLY B 44 6.90 -2.60 -10.44
C GLY B 44 5.54 -3.02 -9.92
N GLU B 45 5.48 -3.26 -8.63
CA GLU B 45 4.26 -3.69 -7.96
C GLU B 45 4.17 -2.98 -6.63
N GLY B 46 3.16 -2.16 -6.43
CA GLY B 46 3.00 -1.66 -5.09
C GLY B 46 1.99 -2.50 -4.35
N ALA B 47 1.00 -1.83 -3.78
CA ALA B 47 -0.22 -2.46 -3.32
C ALA B 47 -1.45 -1.76 -3.85
N PHE B 48 -1.29 -0.50 -4.29
CA PHE B 48 -2.33 0.33 -4.87
C PHE B 48 -2.35 0.25 -6.38
N GLY B 49 -1.21 -0.02 -7.00
CA GLY B 49 -1.15 -0.20 -8.43
C GLY B 49 -0.05 -1.16 -8.83
N GLN B 50 0.04 -1.39 -10.14
CA GLN B 50 1.16 -2.10 -10.72
C GLN B 50 1.48 -1.47 -12.07
N VAL B 51 2.74 -1.57 -12.47
CA VAL B 51 3.22 -1.00 -13.71
C VAL B 51 3.85 -2.12 -14.52
N VAL B 52 3.51 -2.21 -15.80
CA VAL B 52 4.04 -3.23 -16.68
C VAL B 52 4.57 -2.58 -17.94
N MET B 53 5.62 -3.18 -18.49
CA MET B 53 6.11 -2.82 -19.82
C MET B 53 5.11 -3.27 -20.87
N ALA B 54 5.07 -2.55 -21.99
CA ALA B 54 4.13 -2.89 -23.06
C ALA B 54 4.66 -2.37 -24.38
N GLU B 55 4.11 -2.94 -25.45
CA GLU B 55 4.36 -2.47 -26.81
C GLU B 55 3.07 -1.85 -27.33
N ALA B 56 3.15 -0.58 -27.72
CA ALA B 56 2.01 0.18 -28.17
C ALA B 56 2.25 0.56 -29.63
N VAL B 57 1.47 -0.03 -30.53
CA VAL B 57 1.63 0.23 -31.96
C VAL B 57 0.91 1.52 -32.33
N GLY B 58 1.64 2.47 -32.88
CA GLY B 58 1.02 3.67 -33.38
C GLY B 58 0.79 4.73 -32.33
N ILE B 59 1.35 4.59 -31.13
CA ILE B 59 1.05 5.57 -30.10
C ILE B 59 1.70 6.91 -30.41
N ASP B 60 2.77 6.89 -31.21
CA ASP B 60 3.31 8.10 -31.83
C ASP B 60 2.58 8.31 -33.15
N LYS B 61 1.67 9.29 -33.19
CA LYS B 61 0.88 9.57 -34.39
C LYS B 61 1.75 9.76 -35.63
N ASP B 62 2.98 10.27 -35.48
CA ASP B 62 3.85 10.45 -36.63
C ASP B 62 4.40 9.14 -37.18
N LYS B 63 4.32 8.05 -36.42
CA LYS B 63 4.77 6.73 -36.85
C LYS B 63 3.70 5.70 -36.53
N PRO B 64 2.59 5.72 -37.28
CA PRO B 64 1.42 4.89 -36.88
C PRO B 64 1.66 3.40 -36.97
N LYS B 65 2.69 2.95 -37.68
CA LYS B 65 2.97 1.52 -37.78
C LYS B 65 4.06 1.07 -36.82
N GLU B 66 4.75 2.00 -36.17
CA GLU B 66 5.86 1.67 -35.28
C GLU B 66 5.35 1.25 -33.91
N ALA B 67 5.87 0.13 -33.40
CA ALA B 67 5.63 -0.27 -32.02
C ALA B 67 6.65 0.43 -31.13
N VAL B 68 6.16 1.08 -30.08
CA VAL B 68 7.06 1.73 -29.14
C VAL B 68 6.85 1.12 -27.76
N THR B 69 7.96 0.89 -27.08
CA THR B 69 7.93 0.36 -25.74
C THR B 69 7.46 1.44 -24.78
N VAL B 70 6.44 1.12 -23.98
CA VAL B 70 5.82 2.06 -23.04
C VAL B 70 5.73 1.38 -21.69
N ALA B 71 5.33 2.15 -20.68
CA ALA B 71 4.96 1.62 -19.37
C ALA B 71 3.48 1.88 -19.15
N VAL B 72 2.78 0.89 -18.59
CA VAL B 72 1.34 0.94 -18.43
C VAL B 72 1.03 0.78 -16.94
N LYS B 73 0.35 1.76 -16.37
CA LYS B 73 -0.10 1.67 -14.98
C LYS B 73 -1.56 1.25 -14.92
N MET B 74 -1.86 0.33 -14.02
CA MET B 74 -3.18 -0.29 -13.99
C MET B 74 -3.45 -0.73 -12.55
N LEU B 75 -4.69 -1.16 -12.31
CA LEU B 75 -5.09 -1.70 -11.01
C LEU B 75 -4.67 -3.15 -10.88
N LYS B 76 -4.54 -3.59 -9.64
CA LYS B 76 -4.38 -4.99 -9.33
C LYS B 76 -5.74 -5.65 -9.06
N ASP B 77 -5.71 -6.99 -8.92
CA ASP B 77 -6.92 -7.76 -8.70
C ASP B 77 -7.60 -7.38 -7.38
N ASP B 78 -6.82 -7.02 -6.37
CA ASP B 78 -7.36 -6.68 -5.05
C ASP B 78 -7.52 -5.17 -4.87
N ALA B 79 -7.65 -4.43 -5.97
CA ALA B 79 -7.77 -2.96 -5.88
C ALA B 79 -8.98 -2.54 -5.07
N THR B 80 -8.82 -1.40 -4.39
CA THR B 80 -9.89 -0.75 -3.65
C THR B 80 -10.52 0.34 -4.52
N GLU B 81 -11.62 0.90 -4.02
CA GLU B 81 -12.21 2.05 -4.70
C GLU B 81 -11.24 3.22 -4.75
N LYS B 82 -10.53 3.47 -3.64
CA LYS B 82 -9.58 4.56 -3.62
C LYS B 82 -8.44 4.33 -4.60
N ASP B 83 -8.00 3.07 -4.78
CA ASP B 83 -7.00 2.77 -5.79
C ASP B 83 -7.46 3.24 -7.17
N LEU B 84 -8.71 2.92 -7.53
CA LEU B 84 -9.23 3.35 -8.82
C LEU B 84 -9.38 4.87 -8.88
N SER B 85 -9.89 5.48 -7.81
CA SER B 85 -9.96 6.94 -7.75
C SER B 85 -8.59 7.59 -7.95
N ASP B 86 -7.56 7.03 -7.30
CA ASP B 86 -6.21 7.56 -7.44
C ASP B 86 -5.71 7.45 -8.87
N LEU B 87 -5.97 6.32 -9.52
CA LEU B 87 -5.48 6.11 -10.88
C LEU B 87 -6.13 7.08 -11.86
N VAL B 88 -7.44 7.31 -11.72
CA VAL B 88 -8.12 8.33 -12.52
C VAL B 88 -7.50 9.71 -12.26
N SER B 89 -7.28 10.01 -10.99
CA SER B 89 -6.71 11.31 -10.62
C SER B 89 -5.33 11.48 -11.21
N GLU B 90 -4.51 10.43 -11.14
CA GLU B 90 -3.18 10.49 -11.72
C GLU B 90 -3.24 10.81 -13.20
N MET B 91 -4.15 10.14 -13.92
CA MET B 91 -4.33 10.39 -15.34
C MET B 91 -4.78 11.82 -15.60
N GLU B 92 -5.79 12.28 -14.85
CA GLU B 92 -6.31 13.63 -15.08
C GLU B 92 -5.28 14.69 -14.69
N MET B 93 -4.52 14.47 -13.62
CA MET B 93 -3.47 15.43 -13.26
C MET B 93 -2.42 15.53 -14.38
N MET B 94 -2.00 14.39 -14.95
CA MET B 94 -0.97 14.45 -15.99
C MET B 94 -1.50 15.13 -17.26
N LYS B 95 -2.77 14.91 -17.60
CA LYS B 95 -3.38 15.66 -18.70
C LYS B 95 -3.29 17.16 -18.45
N MET B 96 -3.68 17.60 -17.25
CA MET B 96 -3.77 19.03 -16.97
C MET B 96 -2.39 19.69 -16.88
N ILE B 97 -1.41 18.96 -16.36
CA ILE B 97 -0.07 19.53 -16.15
C ILE B 97 0.58 19.92 -17.47
N GLY B 98 0.39 19.11 -18.52
CA GLY B 98 1.04 19.38 -19.79
C GLY B 98 2.47 18.84 -19.84
N LYS B 99 3.15 19.14 -20.94
CA LYS B 99 4.42 18.52 -21.27
C LYS B 99 5.60 19.31 -20.70
N HIS B 100 6.55 18.58 -20.11
CA HIS B 100 7.82 19.19 -19.76
C HIS B 100 8.92 18.15 -19.85
N LYS B 101 10.12 18.62 -20.19
CA LYS B 101 11.28 17.75 -20.39
C LYS B 101 11.60 16.90 -19.15
N ASN B 102 11.30 17.39 -17.95
CA ASN B 102 11.64 16.68 -16.72
C ASN B 102 10.42 16.14 -16.00
N ILE B 103 9.33 15.90 -16.73
CA ILE B 103 8.14 15.22 -16.23
C ILE B 103 7.87 14.02 -17.12
N ILE B 104 7.67 12.84 -16.52
CA ILE B 104 7.40 11.64 -17.31
C ILE B 104 6.21 11.91 -18.25
N ASN B 105 6.35 11.48 -19.50
CA ASN B 105 5.43 11.89 -20.55
C ASN B 105 4.22 10.96 -20.58
N LEU B 106 3.02 11.53 -20.41
CA LEU B 106 1.78 10.77 -20.60
C LEU B 106 1.54 10.58 -22.10
N LEU B 107 1.34 9.33 -22.52
CA LEU B 107 1.19 9.02 -23.94
C LEU B 107 -0.24 8.73 -24.35
N GLY B 108 -1.04 8.16 -23.48
CA GLY B 108 -2.40 7.79 -23.84
C GLY B 108 -3.04 7.01 -22.71
N ALA B 109 -4.27 6.55 -22.97
CA ALA B 109 -5.01 5.83 -21.95
C ALA B 109 -6.04 4.93 -22.61
N CYS B 110 -6.27 3.76 -22.03
CA CYS B 110 -7.40 2.90 -22.35
C CYS B 110 -8.43 3.06 -21.24
N THR B 111 -9.53 3.74 -21.53
CA THR B 111 -10.50 4.08 -20.49
C THR B 111 -11.88 3.50 -20.70
N GLN B 112 -12.23 3.12 -21.94
CA GLN B 112 -13.57 2.65 -22.26
C GLN B 112 -13.58 1.14 -22.40
N ASP B 113 -14.66 0.53 -21.92
CA ASP B 113 -14.96 -0.88 -22.16
C ASP B 113 -13.82 -1.81 -21.72
N GLY B 114 -13.39 -1.64 -20.47
CA GLY B 114 -12.34 -2.47 -19.93
C GLY B 114 -11.56 -1.80 -18.82
N PRO B 115 -10.46 -2.44 -18.40
CA PRO B 115 -9.66 -1.90 -17.31
C PRO B 115 -9.01 -0.57 -17.68
N LEU B 116 -8.85 0.30 -16.68
CA LEU B 116 -8.18 1.57 -16.89
C LEU B 116 -6.69 1.35 -17.05
N TYR B 117 -6.13 1.69 -18.21
CA TYR B 117 -4.70 1.65 -18.45
C TYR B 117 -4.20 3.06 -18.70
N VAL B 118 -3.21 3.51 -17.93
CA VAL B 118 -2.60 4.82 -18.12
C VAL B 118 -1.21 4.59 -18.72
N ILE B 119 -1.01 5.08 -19.95
CA ILE B 119 0.18 4.75 -20.72
C ILE B 119 1.14 5.94 -20.66
N VAL B 120 2.38 5.68 -20.22
CA VAL B 120 3.39 6.72 -20.05
C VAL B 120 4.69 6.24 -20.70
N ALA B 121 5.56 7.19 -21.01
CA ALA B 121 6.84 6.87 -21.61
C ALA B 121 7.62 5.89 -20.73
N TYR B 122 8.33 4.97 -21.37
CA TYR B 122 9.15 4.00 -20.64
C TYR B 122 10.50 4.62 -20.35
N ALA B 123 10.94 4.52 -19.10
CA ALA B 123 12.21 5.07 -18.64
C ALA B 123 13.14 3.90 -18.34
N SER B 124 14.07 3.62 -19.27
CA SER B 124 14.75 2.34 -19.28
C SER B 124 15.73 2.15 -18.12
N LYS B 125 16.13 3.22 -17.43
CA LYS B 125 17.06 3.07 -16.32
C LYS B 125 16.38 3.10 -14.95
N GLY B 126 15.03 3.13 -14.90
CA GLY B 126 14.31 2.87 -13.66
C GLY B 126 14.28 4.06 -12.73
N ASN B 127 13.87 3.82 -11.48
CA ASN B 127 13.71 4.96 -10.58
C ASN B 127 15.06 5.44 -10.06
N LEU B 128 15.10 6.72 -9.71
CA LEU B 128 16.35 7.36 -9.34
C LEU B 128 16.96 6.74 -8.09
N ARG B 129 16.13 6.33 -7.13
CA ARG B 129 16.68 5.80 -5.89
C ARG B 129 17.53 4.57 -6.17
N GLU B 130 17.00 3.63 -6.97
CA GLU B 130 17.75 2.42 -7.28
C GLU B 130 18.91 2.71 -8.22
N TYR B 131 18.74 3.70 -9.11
CA TYR B 131 19.80 4.13 -10.01
C TYR B 131 21.01 4.66 -9.23
N LEU B 132 20.78 5.49 -8.22
CA LEU B 132 21.87 6.02 -7.41
C LEU B 132 22.51 4.93 -6.56
N ARG B 133 21.69 4.10 -5.91
CA ARG B 133 22.24 3.04 -5.07
C ARG B 133 23.07 2.05 -5.89
N ALA B 134 22.70 1.82 -7.15
CA ALA B 134 23.50 0.95 -8.02
C ALA B 134 24.86 1.55 -8.36
N ARG B 135 25.08 2.84 -8.08
CA ARG B 135 26.37 3.45 -8.36
C ARG B 135 27.15 3.74 -7.08
N ARG B 136 26.74 3.10 -5.96
CA ARG B 136 27.53 3.08 -4.75
C ARG B 136 28.65 2.03 -4.91
N PRO B 137 29.80 2.22 -4.26
CA PRO B 137 30.84 1.19 -4.35
C PRO B 137 30.38 -0.12 -3.74
N PRO B 138 30.54 -1.23 -4.46
CA PRO B 138 30.27 -2.55 -3.88
C PRO B 138 31.11 -2.76 -2.64
N GLY B 139 30.46 -3.22 -1.57
CA GLY B 139 31.15 -3.51 -0.34
C GLY B 139 31.12 -2.40 0.68
N MET B 140 30.62 -1.21 0.35
CA MET B 140 30.65 -0.13 1.32
C MET B 140 29.76 -0.41 2.52
N GLU B 141 28.83 -1.34 2.41
CA GLU B 141 28.00 -1.72 3.54
C GLU B 141 28.70 -2.68 4.48
N TYR B 142 29.85 -3.24 4.07
CA TYR B 142 30.64 -4.17 4.89
C TYR B 142 31.90 -3.44 5.34
N SER B 143 31.93 -3.01 6.61
CA SER B 143 33.02 -2.16 7.05
C SER B 143 34.35 -2.91 7.16
N TYR B 144 34.33 -4.24 7.29
CA TYR B 144 35.58 -4.99 7.36
C TYR B 144 36.14 -5.30 5.98
N ASP B 145 35.43 -4.96 4.91
CA ASP B 145 35.77 -5.31 3.53
C ASP B 145 36.21 -4.07 2.73
N ILE B 146 37.26 -4.24 1.92
CA ILE B 146 37.66 -3.20 0.99
C ILE B 146 36.59 -3.04 -0.08
N ASN B 147 36.36 -1.80 -0.53
CA ASN B 147 35.31 -1.52 -1.50
C ASN B 147 35.83 -1.62 -2.93
N ARG B 148 34.96 -2.11 -3.81
CA ARG B 148 35.18 -2.10 -5.25
C ARG B 148 34.69 -0.79 -5.85
N VAL B 149 35.01 -0.60 -7.12
CA VAL B 149 34.61 0.58 -7.88
C VAL B 149 33.38 0.20 -8.70
N PRO B 150 32.30 1.00 -8.66
CA PRO B 150 31.09 0.64 -9.40
C PRO B 150 31.35 0.67 -10.90
N GLU B 151 30.59 -0.15 -11.64
CA GLU B 151 30.80 -0.19 -13.10
C GLU B 151 30.40 1.12 -13.79
N GLU B 152 29.51 1.91 -13.19
CA GLU B 152 29.24 3.28 -13.60
C GLU B 152 29.23 4.11 -12.33
N GLN B 153 29.69 5.35 -12.42
CA GLN B 153 29.84 6.14 -11.20
C GLN B 153 29.39 7.58 -11.41
N MET B 154 28.80 8.15 -10.37
CA MET B 154 28.32 9.53 -10.40
C MET B 154 29.46 10.48 -10.06
N THR B 155 29.63 11.54 -10.85
CA THR B 155 30.46 12.63 -10.37
C THR B 155 29.59 13.65 -9.63
N PHE B 156 30.27 14.57 -8.93
CA PHE B 156 29.57 15.70 -8.31
C PHE B 156 28.75 16.46 -9.34
N LYS B 157 29.33 16.73 -10.50
CA LYS B 157 28.60 17.43 -11.56
C LYS B 157 27.37 16.64 -12.01
N ASP B 158 27.46 15.31 -12.07
CA ASP B 158 26.28 14.51 -12.41
C ASP B 158 25.16 14.72 -11.40
N LEU B 159 25.51 14.77 -10.12
CA LEU B 159 24.52 14.93 -9.06
C LEU B 159 23.89 16.33 -9.07
N VAL B 160 24.71 17.37 -9.27
CA VAL B 160 24.14 18.72 -9.41
C VAL B 160 23.22 18.78 -10.62
N SER B 161 23.62 18.14 -11.71
CA SER B 161 22.81 18.15 -12.92
C SER B 161 21.47 17.47 -12.67
N CYS B 162 21.50 16.34 -11.95
CA CYS B 162 20.27 15.67 -11.56
CA CYS B 162 20.26 15.67 -11.56
C CYS B 162 19.35 16.60 -10.76
N THR B 163 19.91 17.26 -9.74
CA THR B 163 19.15 18.18 -8.90
C THR B 163 18.57 19.33 -9.72
N TYR B 164 19.39 19.92 -10.60
CA TYR B 164 18.94 21.02 -11.44
C TYR B 164 17.77 20.62 -12.34
N GLN B 165 17.87 19.47 -13.00
CA GLN B 165 16.78 18.97 -13.82
C GLN B 165 15.49 18.82 -13.01
N LEU B 166 15.59 18.26 -11.80
CA LEU B 166 14.40 18.06 -10.98
C LEU B 166 13.81 19.39 -10.53
N ALA B 167 14.68 20.36 -10.22
CA ALA B 167 14.18 21.69 -9.87
C ALA B 167 13.46 22.32 -11.06
N ARG B 168 13.97 22.10 -12.27
CA ARG B 168 13.30 22.64 -13.46
C ARG B 168 11.92 22.00 -13.64
N GLY B 169 11.83 20.69 -13.47
CA GLY B 169 10.53 20.04 -13.54
C GLY B 169 9.55 20.54 -12.51
N MET B 170 10.03 20.79 -11.28
CA MET B 170 9.14 21.27 -10.22
C MET B 170 8.77 22.73 -10.42
N GLU B 171 9.73 23.54 -10.89
CA GLU B 171 9.40 24.90 -11.27
C GLU B 171 8.26 24.92 -12.27
N TYR B 172 8.33 24.05 -13.28
CA TYR B 172 7.27 23.95 -14.27
C TYR B 172 5.96 23.51 -13.60
N LEU B 173 6.03 22.48 -12.75
CA LEU B 173 4.83 21.98 -12.07
C LEU B 173 4.16 23.07 -11.25
N ALA B 174 4.95 23.81 -10.46
CA ALA B 174 4.38 24.88 -9.65
C ALA B 174 3.79 26.00 -10.51
N SER B 175 4.40 26.29 -11.66
CA SER B 175 3.80 27.28 -12.55
C SER B 175 2.46 26.81 -13.11
N GLN B 176 2.20 25.50 -13.12
CA GLN B 176 0.86 25.00 -13.45
C GLN B 176 -0.07 25.01 -12.24
N LYS B 177 0.39 25.50 -11.08
CA LYS B 177 -0.40 25.55 -9.86
C LYS B 177 -0.83 24.16 -9.41
N CYS B 178 0.04 23.18 -9.62
CA CYS B 178 -0.15 21.80 -9.17
CA CYS B 178 -0.18 21.82 -9.14
C CYS B 178 0.89 21.46 -8.12
N ILE B 179 0.47 20.74 -7.08
CA ILE B 179 1.37 20.25 -6.05
C ILE B 179 1.53 18.75 -6.25
N HIS B 180 2.75 18.26 -6.11
CA HIS B 180 3.04 16.84 -6.30
C HIS B 180 2.68 16.03 -5.06
N ARG B 181 3.17 16.49 -3.90
CA ARG B 181 2.92 15.96 -2.56
C ARG B 181 3.66 14.66 -2.24
N ASP B 182 4.27 14.02 -3.23
CA ASP B 182 4.98 12.75 -2.98
C ASP B 182 6.33 12.75 -3.68
N LEU B 183 7.05 13.87 -3.61
CA LEU B 183 8.35 13.98 -4.26
C LEU B 183 9.38 13.22 -3.41
N ALA B 184 10.17 12.38 -4.06
CA ALA B 184 11.13 11.48 -3.44
C ALA B 184 11.88 10.77 -4.56
N ALA B 185 13.09 10.30 -4.26
CA ALA B 185 13.90 9.67 -5.31
C ALA B 185 13.20 8.45 -5.91
N ARG B 186 12.39 7.73 -5.11
CA ARG B 186 11.68 6.58 -5.63
C ARG B 186 10.64 6.97 -6.68
N ASN B 187 10.22 8.25 -6.71
CA ASN B 187 9.23 8.74 -7.67
C ASN B 187 9.85 9.59 -8.76
N VAL B 188 11.16 9.46 -9.00
CA VAL B 188 11.82 10.05 -10.15
C VAL B 188 12.28 8.90 -11.04
N LEU B 189 12.09 9.03 -12.35
CA LEU B 189 12.55 8.03 -13.31
C LEU B 189 13.71 8.58 -14.12
N VAL B 190 14.54 7.67 -14.63
CA VAL B 190 15.76 8.01 -15.38
C VAL B 190 15.68 7.34 -16.75
N THR B 191 15.79 8.13 -17.82
CA THR B 191 15.66 7.57 -19.16
C THR B 191 16.99 6.97 -19.63
N GLU B 192 16.94 6.30 -20.79
CA GLU B 192 18.16 5.78 -21.41
C GLU B 192 19.22 6.86 -21.57
N ASN B 193 18.81 8.10 -21.85
CA ASN B 193 19.74 9.20 -21.99
C ASN B 193 19.98 9.94 -20.67
N ASN B 194 19.69 9.32 -19.53
CA ASN B 194 19.97 9.87 -18.21
C ASN B 194 19.20 11.17 -17.95
N VAL B 195 18.03 11.33 -18.55
CA VAL B 195 17.20 12.49 -18.26
C VAL B 195 16.32 12.16 -17.06
N MET B 196 16.25 13.08 -16.09
CA MET B 196 15.39 12.93 -14.92
C MET B 196 13.93 13.22 -15.28
N LYS B 197 13.02 12.34 -14.88
CA LYS B 197 11.59 12.51 -15.14
C LYS B 197 10.84 12.38 -13.82
N ILE B 198 10.20 13.46 -13.37
CA ILE B 198 9.31 13.37 -12.20
C ILE B 198 8.12 12.49 -12.55
N ALA B 199 7.79 11.56 -11.65
CA ALA B 199 6.75 10.57 -11.96
C ALA B 199 5.82 10.39 -10.76
N ASP B 200 4.94 9.39 -10.89
CA ASP B 200 3.94 9.01 -9.89
C ASP B 200 3.11 10.20 -9.40
N PHE B 201 2.17 10.61 -10.23
CA PHE B 201 1.30 11.75 -9.95
C PHE B 201 0.01 11.33 -9.24
N GLY B 202 0.01 10.15 -8.61
CA GLY B 202 -1.17 9.58 -7.98
C GLY B 202 -1.63 10.30 -6.73
N LEU B 203 -0.78 11.14 -6.13
CA LEU B 203 -1.18 11.98 -5.01
C LEU B 203 -1.21 13.46 -5.36
N ALA B 204 -0.90 13.83 -6.60
CA ALA B 204 -0.82 15.24 -6.95
C ALA B 204 -2.21 15.87 -6.98
N ARG B 205 -2.25 17.19 -6.75
CA ARG B 205 -3.50 17.93 -6.65
C ARG B 205 -3.39 19.26 -7.39
N ASP B 206 -4.53 19.74 -7.85
CA ASP B 206 -4.67 21.02 -8.54
C ASP B 206 -5.01 22.11 -7.53
N ILE B 207 -4.11 23.09 -7.33
CA ILE B 207 -4.49 24.14 -6.40
C ILE B 207 -4.69 25.48 -7.12
N ASN B 208 -5.08 25.44 -8.39
CA ASN B 208 -5.51 26.68 -9.05
C ASN B 208 -6.71 27.23 -8.27
N ASN B 209 -6.70 28.52 -7.97
CA ASN B 209 -7.85 29.17 -7.34
C ASN B 209 -8.10 28.80 -5.89
N ILE B 210 -7.18 28.11 -5.21
CA ILE B 210 -7.22 27.98 -3.75
C ILE B 210 -5.83 28.33 -3.24
N ASP B 211 -5.75 28.82 -2.01
CA ASP B 211 -4.45 29.27 -1.51
C ASP B 211 -3.60 28.12 -0.99
N TYR B 212 -4.21 26.99 -0.65
CA TYR B 212 -3.49 25.82 -0.14
C TYR B 212 -4.44 24.66 -0.25
N TYR B 213 -3.86 23.46 -0.25
CA TYR B 213 -4.64 22.23 -0.24
C TYR B 213 -4.83 21.84 1.22
N LYS B 214 -6.06 21.51 1.60
CA LYS B 214 -6.37 21.14 2.98
C LYS B 214 -6.29 19.61 3.09
N MET B 215 -5.38 19.11 3.92
CA MET B 215 -5.19 17.67 4.10
C MET B 215 -6.26 17.13 5.06
N THR B 216 -6.57 15.83 4.94
CA THR B 216 -7.34 15.16 5.98
C THR B 216 -6.47 14.99 7.22
N THR B 217 -7.08 14.41 8.26
CA THR B 217 -6.40 14.27 9.56
C THR B 217 -5.13 13.42 9.43
N ASN B 218 -5.22 12.29 8.74
CA ASN B 218 -4.08 11.38 8.55
C ASN B 218 -3.94 11.14 7.07
N GLY B 219 -2.90 11.70 6.46
CA GLY B 219 -2.71 11.60 5.03
C GLY B 219 -2.04 10.31 4.61
N ARG B 220 -1.80 10.21 3.31
CA ARG B 220 -1.13 9.07 2.70
C ARG B 220 0.20 9.51 2.08
N LEU B 221 0.85 10.53 2.69
CA LEU B 221 2.15 11.02 2.23
C LEU B 221 3.24 10.46 3.15
N PRO B 222 4.29 9.83 2.61
CA PRO B 222 5.37 9.34 3.47
C PRO B 222 5.89 10.43 4.41
N VAL B 223 5.85 10.14 5.71
CA VAL B 223 6.09 11.16 6.74
C VAL B 223 7.47 11.77 6.59
N LYS B 224 8.48 10.97 6.26
CA LYS B 224 9.85 11.49 6.24
C LYS B 224 10.11 12.51 5.13
N TRP B 225 9.16 12.71 4.20
CA TRP B 225 9.27 13.75 3.18
C TRP B 225 8.27 14.89 3.35
N MET B 226 7.42 14.84 4.39
CA MET B 226 6.34 15.81 4.55
C MET B 226 6.80 17.09 5.27
N ALA B 227 6.37 18.23 4.74
CA ALA B 227 6.64 19.51 5.37
C ALA B 227 5.88 19.63 6.71
N PRO B 228 6.43 20.36 7.68
CA PRO B 228 5.78 20.43 9.00
C PRO B 228 4.41 21.09 8.96
N GLU B 229 4.19 22.06 8.08
CA GLU B 229 2.86 22.67 8.05
C GLU B 229 1.81 21.69 7.55
N ALA B 230 2.20 20.71 6.72
CA ALA B 230 1.27 19.66 6.35
C ALA B 230 1.04 18.73 7.53
N LEU B 231 2.12 18.28 8.15
CA LEU B 231 2.04 17.36 9.28
C LEU B 231 1.18 17.92 10.41
N PHE B 232 1.40 19.18 10.78
CA PHE B 232 0.82 19.72 11.99
C PHE B 232 -0.34 20.68 11.76
N ASP B 233 -0.37 21.40 10.64
CA ASP B 233 -1.47 22.34 10.37
C ASP B 233 -2.35 21.88 9.23
N ARG B 234 -2.03 20.76 8.59
CA ARG B 234 -2.86 20.14 7.54
C ARG B 234 -3.02 21.02 6.31
N VAL B 235 -2.04 21.87 6.00
CA VAL B 235 -2.07 22.72 4.82
C VAL B 235 -0.90 22.37 3.91
N TYR B 236 -1.11 22.44 2.58
CA TYR B 236 -0.09 22.05 1.61
C TYR B 236 -0.04 23.09 0.49
N THR B 237 1.14 23.68 0.27
CA THR B 237 1.35 24.61 -0.83
C THR B 237 2.56 24.17 -1.64
N HIS B 238 2.90 24.98 -2.66
CA HIS B 238 4.13 24.70 -3.41
C HIS B 238 5.35 24.71 -2.49
N GLN B 239 5.34 25.54 -1.45
CA GLN B 239 6.47 25.57 -0.51
C GLN B 239 6.56 24.29 0.30
N SER B 240 5.46 23.53 0.43
CA SER B 240 5.55 22.21 1.04
C SER B 240 6.29 21.23 0.13
N ASP B 241 6.04 21.28 -1.19
CA ASP B 241 6.85 20.52 -2.15
C ASP B 241 8.33 20.93 -2.07
N VAL B 242 8.61 22.22 -1.81
CA VAL B 242 10.02 22.63 -1.70
C VAL B 242 10.70 21.92 -0.53
N TRP B 243 9.99 21.81 0.60
CA TRP B 243 10.50 20.99 1.70
C TRP B 243 10.87 19.59 1.24
N SER B 244 9.93 18.91 0.56
CA SER B 244 10.21 17.56 0.07
C SER B 244 11.39 17.54 -0.89
N PHE B 245 11.51 18.57 -1.72
CA PHE B 245 12.64 18.68 -2.63
C PHE B 245 13.96 18.72 -1.87
N GLY B 246 13.97 19.38 -0.70
CA GLY B 246 15.16 19.35 0.14
C GLY B 246 15.51 17.94 0.59
N VAL B 247 14.52 17.16 0.99
CA VAL B 247 14.76 15.75 1.33
C VAL B 247 15.24 14.98 0.11
N LEU B 248 14.65 15.24 -1.06
CA LEU B 248 15.13 14.62 -2.30
C LEU B 248 16.59 14.96 -2.58
N MET B 249 16.97 16.23 -2.38
CA MET B 249 18.37 16.62 -2.54
C MET B 249 19.27 15.79 -1.63
N TRP B 250 18.85 15.59 -0.38
CA TRP B 250 19.65 14.79 0.54
C TRP B 250 19.76 13.36 0.04
N GLU B 251 18.66 12.79 -0.47
CA GLU B 251 18.72 11.47 -1.07
C GLU B 251 19.71 11.42 -2.22
N ILE B 252 19.72 12.45 -3.06
CA ILE B 252 20.60 12.47 -4.22
C ILE B 252 22.07 12.46 -3.80
N PHE B 253 22.43 13.37 -2.87
CA PHE B 253 23.83 13.52 -2.53
C PHE B 253 24.31 12.49 -1.51
N THR B 254 23.44 11.62 -1.01
CA THR B 254 23.84 10.40 -0.32
C THR B 254 23.78 9.17 -1.22
N LEU B 255 23.60 9.36 -2.53
CA LEU B 255 23.48 8.26 -3.51
C LEU B 255 22.33 7.32 -3.13
N GLY B 256 21.16 7.93 -2.88
CA GLY B 256 19.99 7.16 -2.55
C GLY B 256 19.91 6.71 -1.11
N GLY B 257 20.44 7.49 -0.17
CA GLY B 257 20.33 7.11 1.23
C GLY B 257 18.92 7.32 1.76
N SER B 258 18.60 6.62 2.87
CA SER B 258 17.24 6.86 3.33
C SER B 258 17.21 7.91 4.43
N PRO B 259 16.23 8.80 4.39
CA PRO B 259 16.29 10.00 5.24
C PRO B 259 16.08 9.67 6.70
N TYR B 260 16.54 10.59 7.55
CA TYR B 260 16.49 10.48 9.01
C TYR B 260 16.89 9.07 9.44
N PRO B 261 18.13 8.63 9.12
CA PRO B 261 18.49 7.24 9.37
C PRO B 261 18.44 6.90 10.85
N GLY B 262 17.86 5.75 11.17
CA GLY B 262 17.72 5.31 12.54
C GLY B 262 16.63 5.99 13.32
N ILE B 263 15.88 6.91 12.72
CA ILE B 263 14.82 7.61 13.42
C ILE B 263 13.48 7.06 12.92
N PRO B 264 12.70 6.37 13.75
CA PRO B 264 11.39 5.90 13.28
C PRO B 264 10.42 7.06 13.11
N VAL B 265 9.45 6.89 12.21
CA VAL B 265 8.55 8.02 11.97
C VAL B 265 7.83 8.40 13.26
N GLU B 266 7.60 7.43 14.17
CA GLU B 266 6.89 7.74 15.41
C GLU B 266 7.64 8.77 16.25
N GLU B 267 8.98 8.78 16.18
CA GLU B 267 9.77 9.74 16.94
C GLU B 267 10.07 11.01 16.17
N LEU B 268 9.91 10.99 14.85
CA LEU B 268 10.28 12.14 14.03
C LEU B 268 9.36 13.34 14.25
N PHE B 269 8.07 13.12 14.56
CA PHE B 269 7.16 14.25 14.71
C PHE B 269 7.70 15.25 15.73
N LYS B 270 8.06 14.76 16.92
CA LYS B 270 8.54 15.64 17.98
C LYS B 270 9.91 16.23 17.66
N LEU B 271 10.78 15.44 17.04
CA LEU B 271 12.09 15.97 16.67
C LEU B 271 11.94 17.14 15.70
N LEU B 272 11.04 17.02 14.72
CA LEU B 272 10.86 18.12 13.77
C LEU B 272 10.38 19.37 14.47
N LYS B 273 9.47 19.21 15.44
CA LYS B 273 8.98 20.35 16.22
C LYS B 273 10.08 20.99 17.05
N GLU B 274 11.09 20.23 17.44
CA GLU B 274 12.23 20.76 18.19
C GLU B 274 13.32 21.30 17.28
N GLY B 275 13.09 21.31 15.96
CA GLY B 275 14.05 21.86 15.03
C GLY B 275 15.06 20.87 14.49
N HIS B 276 14.92 19.58 14.76
CA HIS B 276 15.84 18.61 14.18
C HIS B 276 15.82 18.70 12.66
N ARG B 277 17.01 18.62 12.06
CA ARG B 277 17.19 18.55 10.61
C ARG B 277 18.32 17.57 10.34
N MET B 278 18.29 16.92 9.16
CA MET B 278 19.34 15.97 8.82
C MET B 278 20.71 16.66 8.69
N ASP B 279 21.76 15.90 8.99
CA ASP B 279 23.14 16.35 8.85
C ASP B 279 23.53 16.43 7.37
N LYS B 280 24.64 17.10 7.11
CA LYS B 280 25.14 17.23 5.75
C LYS B 280 25.62 15.89 5.21
N PRO B 281 25.24 15.49 4.00
CA PRO B 281 25.88 14.31 3.40
C PRO B 281 27.37 14.53 3.30
N ALA B 282 28.12 13.42 3.43
CA ALA B 282 29.56 13.50 3.64
C ALA B 282 30.28 14.30 2.56
N ASN B 283 30.00 14.03 1.29
CA ASN B 283 30.75 14.69 0.23
C ASN B 283 30.01 15.87 -0.38
N CYS B 284 29.09 16.47 0.37
CA CYS B 284 28.25 17.53 -0.16
C CYS B 284 28.92 18.85 0.16
N THR B 285 28.81 19.81 -0.76
CA THR B 285 29.38 21.13 -0.48
C THR B 285 28.52 21.87 0.55
N ASN B 286 29.15 22.80 1.26
CA ASN B 286 28.40 23.63 2.20
C ASN B 286 27.30 24.41 1.48
N GLU B 287 27.59 24.88 0.27
CA GLU B 287 26.60 25.61 -0.52
C GLU B 287 25.36 24.76 -0.77
N LEU B 288 25.55 23.50 -1.18
CA LEU B 288 24.39 22.66 -1.44
C LEU B 288 23.70 22.26 -0.14
N TYR B 289 24.46 22.05 0.94
CA TYR B 289 23.81 21.75 2.22
C TYR B 289 22.99 22.96 2.71
N MET B 290 23.52 24.18 2.54
CA MET B 290 22.76 25.37 2.93
C MET B 290 21.45 25.47 2.16
N MET B 291 21.46 25.09 0.88
CA MET B 291 20.24 25.04 0.09
C MET B 291 19.23 24.04 0.67
N MET B 292 19.69 22.84 1.04
CA MET B 292 18.80 21.89 1.73
C MET B 292 18.22 22.51 2.99
N ARG B 293 19.07 23.14 3.80
CA ARG B 293 18.60 23.71 5.07
C ARG B 293 17.59 24.83 4.82
N ASP B 294 17.78 25.61 3.76
CA ASP B 294 16.79 26.63 3.40
C ASP B 294 15.47 25.98 2.97
N CYS B 295 15.53 24.88 2.20
CA CYS B 295 14.30 24.16 1.87
C CYS B 295 13.59 23.67 3.12
N TRP B 296 14.32 23.49 4.22
CA TRP B 296 13.72 23.00 5.46
C TRP B 296 13.50 24.13 6.48
N HIS B 297 13.39 25.37 6.03
CA HIS B 297 12.99 26.45 6.92
C HIS B 297 11.64 26.13 7.56
N ALA B 298 11.50 26.44 8.85
CA ALA B 298 10.22 26.21 9.52
C ALA B 298 9.10 27.03 8.89
N VAL B 299 9.40 28.21 8.34
CA VAL B 299 8.37 29.09 7.79
C VAL B 299 8.33 28.88 6.29
N PRO B 300 7.19 28.42 5.72
CA PRO B 300 7.18 28.05 4.29
C PRO B 300 7.60 29.17 3.36
N SER B 301 7.16 30.42 3.61
CA SER B 301 7.52 31.51 2.70
C SER B 301 8.99 31.92 2.78
N GLN B 302 9.72 31.46 3.79
CA GLN B 302 11.15 31.71 3.91
C GLN B 302 11.98 30.66 3.19
N ARG B 303 11.38 29.57 2.75
CA ARG B 303 12.07 28.64 1.88
C ARG B 303 12.19 29.25 0.50
N PRO B 304 13.20 28.85 -0.28
CA PRO B 304 13.24 29.30 -1.67
C PRO B 304 12.03 28.79 -2.42
N THR B 305 11.69 29.50 -3.49
CA THR B 305 10.75 28.98 -4.47
C THR B 305 11.49 28.08 -5.45
N PHE B 306 10.75 27.31 -6.26
CA PHE B 306 11.42 26.51 -7.27
C PHE B 306 12.10 27.39 -8.32
N LYS B 307 11.51 28.53 -8.65
CA LYS B 307 12.20 29.49 -9.53
C LYS B 307 13.58 29.84 -8.99
N GLN B 308 13.67 30.15 -7.69
CA GLN B 308 14.96 30.53 -7.10
C GLN B 308 15.92 29.34 -7.06
N LEU B 309 15.42 28.16 -6.72
CA LEU B 309 16.26 26.97 -6.73
C LEU B 309 16.88 26.73 -8.09
N VAL B 310 16.08 26.85 -9.16
CA VAL B 310 16.58 26.67 -10.52
C VAL B 310 17.71 27.66 -10.82
N GLU B 311 17.50 28.93 -10.46
CA GLU B 311 18.53 29.95 -10.69
C GLU B 311 19.81 29.64 -9.91
N ASP B 312 19.67 29.25 -8.64
CA ASP B 312 20.85 28.93 -7.86
C ASP B 312 21.56 27.71 -8.41
N LEU B 313 20.81 26.65 -8.73
CA LEU B 313 21.41 25.42 -9.25
C LEU B 313 22.04 25.64 -10.62
N ASP B 314 21.43 26.48 -11.45
CA ASP B 314 22.03 26.82 -12.74
C ASP B 314 23.40 27.47 -12.54
N ARG B 315 23.51 28.38 -11.57
CA ARG B 315 24.79 29.03 -11.31
C ARG B 315 25.83 28.03 -10.84
N ILE B 316 25.45 27.16 -9.90
CA ILE B 316 26.37 26.15 -9.37
C ILE B 316 26.80 25.20 -10.47
N LEU B 317 25.85 24.77 -11.31
CA LEU B 317 26.16 23.79 -12.34
C LEU B 317 27.07 24.38 -13.41
N THR B 318 26.86 25.66 -13.77
CA THR B 318 27.73 26.30 -14.76
C THR B 318 29.15 26.41 -14.24
N LEU B 319 29.32 26.83 -12.99
CA LEU B 319 30.66 26.93 -12.39
C LEU B 319 31.32 25.57 -12.30
N THR B 320 30.56 24.52 -12.00
CA THR B 320 31.11 23.18 -11.85
C THR B 320 31.65 22.65 -13.16
N THR B 321 30.92 22.83 -14.27
CA THR B 321 31.40 22.40 -15.58
C THR B 321 32.62 23.23 -16.02
CAC FLC C . -10.18 5.20 7.34
CA FLC C . -11.51 5.56 6.76
CB FLC C . -12.19 4.32 6.24
CBC FLC C . -13.63 4.39 6.65
CG FLC C . -11.99 4.22 4.77
CGC FLC C . -12.51 2.92 4.24
OA1 FLC C . -9.55 4.22 6.88
OA2 FLC C . -9.68 5.87 8.30
OB1 FLC C . -13.86 4.61 7.87
OB2 FLC C . -14.58 4.23 5.83
OG1 FLC C . -11.83 1.88 4.31
OG2 FLC C . -13.65 2.86 3.70
OHB FLC C . -11.61 3.20 6.82
S SO4 D . -5.45 -20.28 -10.44
O1 SO4 D . -5.17 -21.68 -10.73
O2 SO4 D . -4.18 -19.56 -10.41
O3 SO4 D . -6.33 -19.72 -11.47
O4 SO4 D . -6.11 -20.18 -9.14
CAC FLC E . -4.15 11.86 1.25
CA FLC E . -4.81 12.33 0.01
CB FLC E . -6.15 12.89 0.38
CBC FLC E . -6.07 14.11 1.27
CG FLC E . -6.82 13.34 -0.87
CGC FLC E . -8.10 12.65 -1.14
OA1 FLC E . -3.10 12.41 1.65
OA2 FLC E . -4.69 10.92 1.89
OB1 FLC E . -5.26 14.24 2.24
OB2 FLC E . -6.85 15.06 1.01
OG1 FLC E . -8.33 11.52 -0.62
OG2 FLC E . -8.95 13.19 -1.91
OHB FLC E . -6.88 11.88 0.98
PG ACP F . 3.36 3.82 -4.92
O1G ACP F . 4.80 3.22 -4.95
O2G ACP F . 2.46 2.87 -4.03
O3G ACP F . 3.38 5.21 -4.37
PB ACP F . 3.28 2.48 -7.67
O1B ACP F . 4.49 1.77 -6.94
O2B ACP F . 2.16 1.50 -7.84
C3B ACP F . 2.67 3.89 -6.64
PA ACP F . 5.08 3.81 -9.44
O1A ACP F . 5.68 4.47 -8.21
O2A ACP F . 4.77 4.91 -10.44
O3A ACP F . 3.72 3.03 -9.10
O5' ACP F . 6.16 2.80 -10.11
C5' ACP F . 6.57 1.60 -9.49
C4' ACP F . 7.90 1.20 -10.02
O4' ACP F . 7.75 0.58 -11.35
C3' ACP F . 8.79 2.35 -10.22
O3' ACP F . 9.55 2.75 -9.07
C2' ACP F . 9.67 1.93 -11.24
O2' ACP F . 10.62 0.98 -10.70
C1' ACP F . 8.79 1.27 -12.18
N9 ACP F . 8.25 2.20 -13.09
C8 ACP F . 7.16 3.00 -12.95
N7 ACP F . 6.98 3.74 -14.03
C5 ACP F . 7.93 3.46 -14.93
C6 ACP F . 8.24 3.93 -16.21
N6 ACP F . 7.42 4.94 -16.84
N1 ACP F . 9.30 3.43 -16.87
C2 ACP F . 10.09 2.48 -16.31
N3 ACP F . 9.83 2.01 -15.05
C4 ACP F . 8.76 2.48 -14.34
#